data_8DW5
#
_entry.id   8DW5
#
_cell.length_a   41.198
_cell.length_b   64.079
_cell.length_c   84.529
_cell.angle_alpha   90.000
_cell.angle_beta   90.000
_cell.angle_gamma   90.000
#
_symmetry.space_group_name_H-M   'I 2 2 2'
#
loop_
_entity.id
_entity.type
_entity.pdbx_description
1 polymer Transthyretin
2 non-polymer '2-[(3,5-dichlorophenyl)amino]benzoic acid'
3 water water
#
_entity_poly.entity_id   1
_entity_poly.type   'polypeptide(L)'
_entity_poly.pdbx_seq_one_letter_code
;MRGSHHHHHHGMASMGPTGTGESKCPLMVKVLDAVRGSPAINVAVHVFRKAADDTWEPFASGKTSESGELHGLTTEEEFV
EGIYKVEIDTKSYWKALGISPFHEHAEVVFTANDSGPRRYTIAALLSPYSYSTTAVVTNPKE
;
_entity_poly.pdbx_strand_id   A
#
loop_
_chem_comp.id
_chem_comp.type
_chem_comp.name
_chem_comp.formula
FQ7 non-polymer '2-[(3,5-dichlorophenyl)amino]benzoic acid' 'C13 H9 Cl2 N O2'
#
# COMPACT_ATOMS: atom_id res chain seq x y z
N CYS A 25 12.44 -0.88 5.83
CA CYS A 25 12.66 0.41 5.18
C CYS A 25 11.60 1.35 5.78
N PRO A 26 11.59 2.63 5.40
CA PRO A 26 10.64 3.56 6.02
C PRO A 26 9.20 3.29 5.66
N LEU A 27 8.92 2.54 4.60
CA LEU A 27 7.56 2.38 4.13
C LEU A 27 7.34 0.94 3.72
N MET A 28 6.41 0.27 4.37
CA MET A 28 6.02 -1.13 4.09
C MET A 28 4.54 -1.22 3.84
N VAL A 29 4.13 -2.14 2.95
CA VAL A 29 2.70 -2.39 2.74
C VAL A 29 2.43 -3.86 2.95
N LYS A 30 1.34 -4.17 3.65
CA LYS A 30 0.92 -5.54 3.83
C LYS A 30 -0.54 -5.68 3.42
N VAL A 31 -0.88 -6.80 2.78
CA VAL A 31 -2.20 -7.01 2.22
C VAL A 31 -2.68 -8.41 2.60
N LEU A 32 -3.88 -8.49 3.19
CA LEU A 32 -4.50 -9.72 3.62
C LEU A 32 -5.82 -9.93 2.89
N ASP A 33 -6.19 -11.19 2.79
CA ASP A 33 -7.38 -11.66 2.09
C ASP A 33 -8.37 -12.23 3.10
N ALA A 34 -9.53 -11.58 3.21
CA ALA A 34 -10.58 -12.01 4.14
C ALA A 34 -11.48 -13.10 3.61
N VAL A 35 -11.34 -13.50 2.35
CA VAL A 35 -12.19 -14.55 1.81
C VAL A 35 -11.50 -15.88 1.93
N ARG A 36 -10.20 -15.89 1.71
CA ARG A 36 -9.49 -17.16 1.83
C ARG A 36 -8.71 -17.29 3.11
N GLY A 37 -8.63 -16.23 3.91
CA GLY A 37 -7.90 -16.33 5.17
C GLY A 37 -6.43 -16.47 4.92
N SER A 38 -5.85 -15.59 4.12
CA SER A 38 -4.49 -15.82 3.68
C SER A 38 -3.85 -14.47 3.40
N PRO A 39 -2.55 -14.40 3.37
CA PRO A 39 -1.91 -13.18 2.85
C PRO A 39 -2.35 -13.03 1.41
N ALA A 40 -2.38 -11.78 0.91
CA ALA A 40 -2.68 -11.55 -0.50
C ALA A 40 -1.35 -11.50 -1.21
N ILE A 41 -1.04 -12.51 -2.02
CA ILE A 41 0.28 -12.70 -2.59
C ILE A 41 0.32 -12.12 -4.00
N ASN A 42 1.45 -11.51 -4.38
CA ASN A 42 1.72 -11.03 -5.74
C ASN A 42 0.80 -9.90 -6.14
N VAL A 43 0.34 -9.11 -5.18
CA VAL A 43 -0.52 -7.95 -5.44
C VAL A 43 0.37 -6.78 -5.85
N ALA A 44 0.02 -6.13 -6.94
CA ALA A 44 0.75 -4.91 -7.35
C ALA A 44 0.38 -3.75 -6.45
N VAL A 45 1.38 -3.02 -5.99
CA VAL A 45 1.20 -1.85 -5.11
C VAL A 45 1.98 -0.71 -5.74
N HIS A 46 1.34 0.46 -5.94
CA HIS A 46 2.00 1.64 -6.51
C HIS A 46 1.98 2.71 -5.45
N VAL A 47 3.09 3.39 -5.23
CA VAL A 47 3.14 4.56 -4.35
C VAL A 47 3.35 5.78 -5.23
N PHE A 48 2.57 6.81 -5.03
CA PHE A 48 2.71 8.09 -5.74
C PHE A 48 2.96 9.18 -4.73
N ARG A 49 3.70 10.21 -5.12
CA ARG A 49 3.91 11.38 -4.27
C ARG A 49 3.37 12.62 -4.97
N LYS A 50 2.69 13.52 -4.23
CA LYS A 50 2.20 14.73 -4.84
C LYS A 50 3.36 15.66 -5.13
N ALA A 51 3.48 16.10 -6.38
CA ALA A 51 4.61 16.94 -6.74
C ALA A 51 4.25 18.41 -6.53
N ALA A 52 5.23 19.30 -6.73
CA ALA A 52 5.00 20.71 -6.44
C ALA A 52 3.84 21.29 -7.24
N ASP A 53 3.54 20.72 -8.40
CA ASP A 53 2.49 21.18 -9.30
C ASP A 53 1.15 20.48 -9.08
N ASP A 54 1.00 19.78 -7.97
CA ASP A 54 -0.24 19.09 -7.60
C ASP A 54 -0.65 17.97 -8.56
N THR A 55 0.31 17.31 -9.20
CA THR A 55 0.03 16.03 -9.85
C THR A 55 0.66 14.92 -9.03
N TRP A 56 0.14 13.72 -9.27
CA TRP A 56 0.71 12.51 -8.68
C TRP A 56 1.91 12.06 -9.50
N GLU A 57 3.04 11.86 -8.85
CA GLU A 57 4.24 11.37 -9.53
C GLU A 57 4.56 9.96 -9.07
N PRO A 58 4.89 9.03 -9.96
CA PRO A 58 5.28 7.69 -9.48
C PRO A 58 6.50 7.78 -8.56
N PHE A 59 6.39 7.18 -7.39
CA PHE A 59 7.45 7.22 -6.37
C PHE A 59 8.07 5.85 -6.17
N ALA A 60 7.27 4.81 -6.05
CA ALA A 60 7.82 3.48 -5.81
C ALA A 60 6.73 2.49 -6.10
N SER A 61 7.12 1.25 -6.32
CA SER A 61 6.07 0.25 -6.53
C SER A 61 6.70 -1.14 -6.41
N GLY A 62 5.84 -2.13 -6.29
CA GLY A 62 6.32 -3.50 -6.12
C GLY A 62 5.14 -4.45 -6.01
N LYS A 63 5.43 -5.72 -5.68
CA LYS A 63 4.38 -6.71 -5.57
C LYS A 63 4.57 -7.44 -4.23
N THR A 64 3.47 -7.75 -3.58
CA THR A 64 3.60 -8.38 -2.26
C THR A 64 4.21 -9.78 -2.38
N SER A 65 4.94 -10.16 -1.33
CA SER A 65 5.58 -11.47 -1.24
C SER A 65 4.60 -12.52 -0.75
N GLU A 66 5.09 -13.74 -0.52
CA GLU A 66 4.22 -14.81 -0.04
C GLU A 66 3.66 -14.56 1.36
N SER A 67 4.24 -13.62 2.11
CA SER A 67 3.68 -13.30 3.41
C SER A 67 2.69 -12.16 3.32
N GLY A 68 2.43 -11.69 2.10
CA GLY A 68 1.56 -10.55 1.92
C GLY A 68 2.24 -9.22 2.08
N GLU A 69 3.55 -9.20 2.33
CA GLU A 69 4.23 -7.95 2.65
C GLU A 69 5.09 -7.49 1.49
N LEU A 70 5.25 -6.20 1.39
CA LEU A 70 6.06 -5.61 0.34
C LEU A 70 7.06 -4.74 1.05
N HIS A 71 8.31 -5.16 0.99
CA HIS A 71 9.46 -4.54 1.62
C HIS A 71 10.32 -3.90 0.55
N GLY A 72 11.13 -2.94 0.97
CA GLY A 72 12.12 -2.43 0.04
C GLY A 72 11.56 -1.47 -0.97
N LEU A 73 10.39 -0.89 -0.71
CA LEU A 73 9.85 0.12 -1.61
C LEU A 73 10.77 1.31 -1.77
N THR A 74 11.44 1.72 -0.70
CA THR A 74 12.13 3.01 -0.72
C THR A 74 13.20 3.01 0.36
N THR A 75 13.93 4.10 0.47
CA THR A 75 15.02 4.24 1.43
C THR A 75 14.74 5.46 2.28
N GLU A 76 15.46 5.56 3.38
N GLU A 76 15.47 5.57 3.38
CA GLU A 76 15.36 6.77 4.20
C GLU A 76 15.72 8.01 3.38
C GLU A 76 15.72 8.01 3.38
N GLU A 77 16.67 7.88 2.45
CA GLU A 77 17.10 9.06 1.68
C GLU A 77 16.01 9.52 0.72
N GLU A 78 15.27 8.60 0.13
CA GLU A 78 14.28 8.95 -0.87
C GLU A 78 12.93 9.33 -0.31
N PHE A 79 12.59 8.86 0.89
CA PHE A 79 11.26 9.03 1.48
C PHE A 79 11.22 10.33 2.28
N VAL A 80 10.76 11.39 1.66
CA VAL A 80 10.75 12.69 2.29
C VAL A 80 9.32 13.01 2.72
N GLU A 81 9.17 14.07 3.52
CA GLU A 81 7.82 14.57 3.79
C GLU A 81 7.06 14.80 2.51
N GLY A 82 5.76 14.64 2.59
CA GLY A 82 4.95 14.93 1.43
C GLY A 82 3.61 14.26 1.59
N ILE A 83 2.85 14.31 0.51
CA ILE A 83 1.52 13.70 0.52
C ILE A 83 1.68 12.48 -0.38
N TYR A 84 1.34 11.29 0.14
CA TYR A 84 1.58 10.08 -0.63
C TYR A 84 0.27 9.38 -0.88
N LYS A 85 0.20 8.64 -1.98
CA LYS A 85 -0.97 7.78 -2.22
C LYS A 85 -0.41 6.38 -2.40
N VAL A 86 -0.98 5.41 -1.71
CA VAL A 86 -0.65 4.00 -1.91
C VAL A 86 -1.84 3.34 -2.59
N GLU A 87 -1.62 2.79 -3.81
CA GLU A 87 -2.67 2.24 -4.66
C GLU A 87 -2.42 0.74 -4.74
N ILE A 88 -3.39 -0.04 -4.36
CA ILE A 88 -3.25 -1.49 -4.35
C ILE A 88 -4.12 -2.07 -5.42
N ASP A 89 -3.56 -2.88 -6.34
CA ASP A 89 -4.40 -3.29 -7.48
C ASP A 89 -5.13 -4.57 -7.09
N THR A 90 -6.21 -4.34 -6.33
CA THR A 90 -7.07 -5.42 -5.83
C THR A 90 -7.86 -6.07 -6.93
N LYS A 91 -8.14 -5.36 -8.02
CA LYS A 91 -8.92 -5.96 -9.09
C LYS A 91 -8.17 -7.15 -9.70
N SER A 92 -6.89 -6.96 -10.04
CA SER A 92 -6.13 -8.06 -10.65
C SER A 92 -5.92 -9.21 -9.68
N TYR A 93 -5.78 -8.89 -8.41
CA TYR A 93 -5.59 -9.92 -7.40
C TYR A 93 -6.83 -10.83 -7.34
N TRP A 94 -8.02 -10.23 -7.24
CA TRP A 94 -9.25 -11.03 -7.16
C TRP A 94 -9.47 -11.84 -8.43
N LYS A 95 -9.23 -11.23 -9.61
CA LYS A 95 -9.45 -11.97 -10.84
C LYS A 95 -8.51 -13.18 -10.94
N ALA A 96 -7.29 -13.06 -10.44
CA ALA A 96 -6.39 -14.20 -10.48
C ALA A 96 -6.87 -15.31 -9.56
N LEU A 97 -7.72 -15.00 -8.58
CA LEU A 97 -8.30 -15.98 -7.68
C LEU A 97 -9.67 -16.44 -8.17
N GLY A 98 -10.11 -16.00 -9.35
CA GLY A 98 -11.41 -16.39 -9.85
C GLY A 98 -12.59 -15.53 -9.42
N ILE A 99 -12.34 -14.34 -8.89
CA ILE A 99 -13.39 -13.46 -8.38
C ILE A 99 -13.41 -12.19 -9.21
N SER A 100 -14.59 -11.75 -9.60
CA SER A 100 -14.73 -10.45 -10.25
C SER A 100 -15.23 -9.45 -9.20
N PRO A 101 -14.39 -8.57 -8.71
CA PRO A 101 -14.77 -7.79 -7.51
C PRO A 101 -15.42 -6.43 -7.82
N PHE A 102 -15.83 -5.73 -6.73
CA PHE A 102 -16.48 -4.42 -6.84
C PHE A 102 -15.51 -3.27 -7.13
N HIS A 103 -14.47 -3.09 -6.31
CA HIS A 103 -13.56 -1.94 -6.44
C HIS A 103 -12.56 -2.10 -7.56
N GLU A 104 -12.16 -0.97 -8.15
CA GLU A 104 -11.09 -0.96 -9.14
C GLU A 104 -9.72 -1.15 -8.50
N HIS A 105 -9.54 -0.66 -7.29
CA HIS A 105 -8.31 -0.81 -6.54
C HIS A 105 -8.62 -0.30 -5.14
N ALA A 106 -7.67 -0.45 -4.23
CA ALA A 106 -7.81 0.17 -2.92
C ALA A 106 -6.71 1.21 -2.80
N GLU A 107 -7.02 2.40 -2.30
CA GLU A 107 -5.97 3.39 -2.25
C GLU A 107 -6.08 4.12 -0.93
N VAL A 108 -4.95 4.68 -0.53
CA VAL A 108 -4.80 5.24 0.81
C VAL A 108 -3.99 6.50 0.58
N VAL A 109 -4.48 7.66 1.00
CA VAL A 109 -3.74 8.90 0.83
C VAL A 109 -3.44 9.47 2.20
N PHE A 110 -2.21 9.93 2.41
CA PHE A 110 -1.81 10.41 3.74
C PHE A 110 -0.61 11.33 3.62
N THR A 111 -0.38 12.09 4.68
CA THR A 111 0.76 12.97 4.75
C THR A 111 1.87 12.27 5.56
N ALA A 112 3.10 12.31 5.07
CA ALA A 112 4.26 11.91 5.85
C ALA A 112 4.89 13.16 6.40
N ASN A 113 5.07 13.20 7.73
CA ASN A 113 5.56 14.37 8.46
C ASN A 113 6.85 14.01 9.16
N ASP A 114 7.80 14.93 9.16
CA ASP A 114 9.09 14.58 9.74
C ASP A 114 9.11 14.67 11.26
N SER A 115 8.04 15.12 11.93
CA SER A 115 8.15 15.35 13.37
C SER A 115 8.67 14.11 14.12
N GLY A 116 9.99 13.84 13.99
CA GLY A 116 10.61 12.65 14.55
C GLY A 116 11.07 11.66 13.48
N PRO A 117 11.85 10.65 13.87
CA PRO A 117 12.16 9.54 12.94
C PRO A 117 10.97 8.60 12.88
N ARG A 118 10.48 8.31 11.67
CA ARG A 118 9.27 7.50 11.53
C ARG A 118 9.37 6.40 10.48
N ARG A 119 8.63 5.36 10.73
CA ARG A 119 8.47 4.26 9.79
C ARG A 119 6.98 4.01 9.64
N TYR A 120 6.49 3.80 8.41
CA TYR A 120 5.08 3.68 8.13
C TYR A 120 4.80 2.29 7.59
N THR A 121 3.78 1.63 8.13
CA THR A 121 3.22 0.41 7.55
C THR A 121 1.79 0.68 7.16
N ILE A 122 1.45 0.42 5.91
CA ILE A 122 0.09 0.56 5.40
C ILE A 122 -0.42 -0.84 5.21
N ALA A 123 -1.48 -1.19 5.91
CA ALA A 123 -2.01 -2.54 5.77
C ALA A 123 -3.43 -2.46 5.23
N ALA A 124 -3.82 -3.50 4.47
CA ALA A 124 -5.15 -3.51 3.90
C ALA A 124 -5.70 -4.93 4.02
N LEU A 125 -6.97 -5.04 4.37
CA LEU A 125 -7.68 -6.31 4.50
C LEU A 125 -8.80 -6.32 3.46
N LEU A 126 -8.78 -7.28 2.52
CA LEU A 126 -9.58 -7.20 1.30
C LEU A 126 -10.71 -8.22 1.28
N SER A 127 -11.89 -7.78 0.82
CA SER A 127 -12.99 -8.66 0.50
C SER A 127 -13.52 -8.19 -0.85
N PRO A 128 -14.40 -8.95 -1.49
CA PRO A 128 -14.79 -8.55 -2.84
C PRO A 128 -15.56 -7.23 -2.88
N TYR A 129 -16.36 -6.89 -1.86
CA TYR A 129 -17.09 -5.63 -1.86
C TYR A 129 -16.65 -4.69 -0.75
N SER A 130 -15.53 -4.96 -0.09
CA SER A 130 -15.16 -4.13 1.05
C SER A 130 -13.65 -4.16 1.22
N TYR A 131 -13.12 -3.12 1.83
CA TYR A 131 -11.78 -3.28 2.34
C TYR A 131 -11.61 -2.40 3.54
N SER A 132 -10.61 -2.75 4.35
N SER A 132 -10.63 -2.78 4.36
CA SER A 132 -10.23 -1.95 5.51
CA SER A 132 -10.20 -2.02 5.52
C SER A 132 -8.75 -1.67 5.43
C SER A 132 -8.75 -1.63 5.30
N THR A 133 -8.34 -0.46 5.82
CA THR A 133 -6.94 -0.17 5.77
C THR A 133 -6.57 0.46 7.10
N THR A 134 -5.35 0.26 7.55
CA THR A 134 -4.90 0.95 8.75
C THR A 134 -3.44 1.29 8.54
N ALA A 135 -2.95 2.19 9.37
CA ALA A 135 -1.58 2.61 9.30
C ALA A 135 -0.97 2.35 10.64
N VAL A 136 0.24 1.82 10.63
CA VAL A 136 1.03 1.68 11.83
C VAL A 136 2.24 2.56 11.65
N VAL A 137 2.44 3.52 12.56
CA VAL A 137 3.53 4.49 12.42
C VAL A 137 4.33 4.41 13.70
N THR A 138 5.61 4.06 13.58
CA THR A 138 6.43 3.84 14.76
C THR A 138 7.72 4.62 14.66
N ASN A 139 8.32 4.92 15.81
CA ASN A 139 9.57 5.67 15.88
C ASN A 139 10.69 4.71 16.22
N PRO A 140 11.63 4.43 15.31
CA PRO A 140 12.84 3.67 15.69
C PRO A 140 13.81 4.52 16.49
C4 FQ7 B . -0.95 -3.74 10.19
C5 FQ7 B . 0.32 -4.27 10.37
C6 FQ7 B . 0.43 -5.64 10.34
N2 FQ7 B . -3.23 -6.59 9.75
O2 FQ7 B . 0.53 -8.45 10.38
C1A FQ7 B . -0.58 -7.94 10.15
O3 FQ7 B . -1.60 -8.67 9.92
C1 FQ7 B . -0.69 -6.43 10.15
C3 FQ7 B . -2.06 -4.55 10.00
C2 FQ7 B . -1.94 -5.92 9.98
C1' FQ7 B . -4.57 -6.11 9.76
C2' FQ7 B . -5.00 -5.06 8.91
C3' FQ7 B . -6.30 -4.66 8.98
CL3' FQ7 B . -6.92 -3.32 8.00
C4' FQ7 B . -7.21 -5.30 9.80
C5' FQ7 B . -6.76 -6.35 10.59
CL5' FQ7 B . -7.87 -7.18 11.65
C6' FQ7 B . -5.46 -6.76 10.58
#